data_1FDH
#
_entry.id   1FDH
#
_cell.length_a   62.800
_cell.length_b   95.100
_cell.length_c   102.100
_cell.angle_alpha   90.00
_cell.angle_beta   90.00
_cell.angle_gamma   90.00
#
_symmetry.space_group_name_H-M   'P 21 21 21'
#
loop_
_entity.id
_entity.type
_entity.pdbx_description
1 polymer 'HEMOGLOBIN F (DEOXY) (ALPHA CHAIN)'
2 polymer 'HEMOGLOBIN F (DEOXY) (GAMMA CHAIN)'
3 non-polymer 'PROTOPORPHYRIN IX CONTAINING FE'
#
loop_
_entity_poly.entity_id
_entity_poly.type
_entity_poly.pdbx_seq_one_letter_code
_entity_poly.pdbx_strand_id
1 'polypeptide(L)'
;VLSPADKTNVKAAWGKVGAHAGEYGAEALERMFLSFPTTKTYFPHFDLSHGSAQVKGHGKKVADALTNAVAHVDDMPNAL
SALSDLHAHKLRVDPVNFKLLSHCLLVTLAAHLPAEFTPAVHASLDKFLASVSTVLTSKYR
;
A,B
2 'polypeptide(L)'
;(ACE)GHFTEEDKATITSLWGKVNVEDAGGETLGRLLVVYPWTQRFFDSFGNLSSASAIMGNPKVKAHGKKVLTSLGDAI
KHLDDLKGTFAQLSELHCDKLHVDPENFKLLGNVLVTVLAIHFGKEFTPEVQASWQKMVTGVASALSSRYH
;
G,H
#
loop_
_chem_comp.id
_chem_comp.type
_chem_comp.name
_chem_comp.formula
ACE non-polymer 'ACETYL GROUP' 'C2 H4 O'
HEM non-polymer 'PROTOPORPHYRIN IX CONTAINING FE' 'C34 H32 Fe N4 O4'
#
# COMPACT_ATOMS: atom_id res chain seq x y z
N VAL A 1 -13.19 -1.37 12.75
CA VAL A 1 -14.11 -2.12 13.63
C VAL A 1 -15.42 -2.32 12.87
N LEU A 2 -16.00 -3.50 13.04
CA LEU A 2 -17.27 -3.82 12.38
C LEU A 2 -18.41 -3.45 13.32
N SER A 3 -19.33 -2.65 12.82
CA SER A 3 -20.48 -2.21 13.63
C SER A 3 -21.27 -3.52 13.49
N PRO A 4 -22.45 -3.52 14.07
CA PRO A 4 -23.32 -4.71 14.03
C PRO A 4 -24.25 -4.71 12.81
N ALA A 5 -24.33 -3.55 12.17
CA ALA A 5 -25.20 -3.42 11.00
C ALA A 5 -24.23 -4.10 10.03
N ASP A 6 -22.95 -3.97 10.31
CA ASP A 6 -21.92 -4.57 9.46
C ASP A 6 -22.02 -6.09 9.50
N LYS A 7 -22.19 -6.62 10.69
CA LYS A 7 -22.28 -8.07 10.87
C LYS A 7 -23.56 -8.67 10.26
N THR A 8 -24.64 -7.91 10.36
CA THR A 8 -25.93 -8.37 9.83
C THR A 8 -25.65 -8.46 8.33
N ASN A 9 -25.04 -7.42 7.81
CA ASN A 9 -24.73 -7.38 6.37
C ASN A 9 -23.81 -8.45 5.78
N VAL A 10 -22.80 -8.82 6.54
CA VAL A 10 -21.84 -9.83 6.09
C VAL A 10 -22.45 -11.23 6.21
N LYS A 11 -23.23 -11.42 7.26
CA LYS A 11 -23.89 -12.71 7.49
C LYS A 11 -24.95 -13.02 6.43
N ALA A 12 -25.66 -11.99 6.02
CA ALA A 12 -26.71 -12.15 5.01
C ALA A 12 -26.20 -12.32 3.58
N ALA A 13 -25.07 -11.68 3.31
CA ALA A 13 -24.48 -11.75 1.97
C ALA A 13 -23.77 -13.08 1.78
N TRP A 14 -23.14 -13.54 2.85
CA TRP A 14 -22.41 -14.82 2.80
C TRP A 14 -23.37 -16.00 2.92
N GLY A 15 -24.58 -15.69 3.34
CA GLY A 15 -25.60 -16.74 3.50
C GLY A 15 -26.07 -17.13 2.09
N LYS A 16 -26.13 -16.12 1.22
CA LYS A 16 -26.56 -16.35 -0.16
C LYS A 16 -25.49 -17.15 -0.90
N VAL A 17 -24.29 -17.12 -0.36
CA VAL A 17 -23.17 -17.83 -0.99
C VAL A 17 -23.40 -19.27 -0.51
N GLY A 18 -23.67 -19.40 0.77
CA GLY A 18 -23.91 -20.74 1.35
C GLY A 18 -22.96 -21.83 0.86
N ALA A 19 -23.38 -22.51 -0.19
CA ALA A 19 -22.57 -23.59 -0.77
C ALA A 19 -21.77 -23.42 -2.06
N HIS A 20 -21.85 -22.23 -2.63
CA HIS A 20 -21.14 -21.94 -3.88
C HIS A 20 -19.79 -21.37 -3.42
N ALA A 21 -19.62 -21.30 -2.11
CA ALA A 21 -18.37 -20.76 -1.54
C ALA A 21 -16.95 -21.21 -1.89
N GLY A 22 -16.81 -22.50 -2.14
CA GLY A 22 -15.50 -23.06 -2.49
C GLY A 22 -15.41 -22.62 -3.95
N GLU A 23 -16.57 -22.52 -4.58
CA GLU A 23 -16.63 -22.11 -5.99
C GLU A 23 -16.24 -20.65 -6.20
N TYR A 24 -16.81 -19.78 -5.38
CA TYR A 24 -16.52 -18.35 -5.47
C TYR A 24 -15.08 -18.16 -5.01
N GLY A 25 -14.65 -19.04 -4.13
CA GLY A 25 -13.27 -18.96 -3.60
C GLY A 25 -12.18 -19.33 -4.61
N ALA A 26 -12.53 -20.20 -5.53
CA ALA A 26 -11.56 -20.63 -6.55
C ALA A 26 -11.55 -19.57 -7.65
N GLU A 27 -12.69 -18.94 -7.84
CA GLU A 27 -12.81 -17.90 -8.87
C GLU A 27 -12.06 -16.63 -8.47
N ALA A 28 -12.14 -16.31 -7.19
CA ALA A 28 -11.46 -15.12 -6.66
C ALA A 28 -9.98 -15.29 -7.02
N LEU A 29 -9.44 -16.43 -6.64
CA LEU A 29 -8.02 -16.71 -6.93
C LEU A 29 -7.52 -16.65 -8.36
N GLU A 30 -8.35 -17.12 -9.27
CA GLU A 30 -7.98 -17.12 -10.70
C GLU A 30 -7.85 -15.65 -11.08
N ARG A 31 -8.77 -14.84 -10.57
CA ARG A 31 -8.76 -13.40 -10.87
C ARG A 31 -7.57 -12.65 -10.29
N MET A 32 -7.06 -13.15 -9.18
CA MET A 32 -5.92 -12.52 -8.51
C MET A 32 -4.71 -12.83 -9.38
N PHE A 33 -4.55 -14.09 -9.71
CA PHE A 33 -3.41 -14.52 -10.55
C PHE A 33 -3.33 -13.84 -11.92
N LEU A 34 -4.49 -13.62 -12.51
CA LEU A 34 -4.53 -12.98 -13.83
C LEU A 34 -4.41 -11.46 -13.78
N SER A 35 -5.05 -10.87 -12.78
CA SER A 35 -5.01 -9.42 -12.62
C SER A 35 -3.77 -8.88 -11.89
N PHE A 36 -3.16 -9.74 -11.10
CA PHE A 36 -1.96 -9.35 -10.35
C PHE A 36 -0.94 -10.49 -10.36
N PRO A 37 -0.42 -10.77 -11.55
CA PRO A 37 0.56 -11.85 -11.70
C PRO A 37 1.61 -11.94 -10.59
N THR A 38 1.81 -10.82 -9.92
CA THR A 38 2.80 -10.76 -8.83
C THR A 38 2.48 -11.72 -7.67
N THR A 39 1.21 -12.01 -7.52
CA THR A 39 0.77 -12.92 -6.45
C THR A 39 1.14 -14.35 -6.82
N LYS A 40 1.54 -14.53 -8.06
CA LYS A 40 1.92 -15.87 -8.54
C LYS A 40 3.12 -16.48 -7.81
N THR A 41 4.05 -15.62 -7.44
CA THR A 41 5.25 -16.07 -6.73
C THR A 41 5.13 -16.88 -5.45
N TYR A 42 3.95 -16.87 -4.88
CA TYR A 42 3.70 -17.61 -3.63
C TYR A 42 3.15 -18.98 -4.01
N PHE A 43 3.02 -19.21 -5.31
CA PHE A 43 2.50 -20.49 -5.80
C PHE A 43 3.21 -21.19 -6.97
N PRO A 44 4.51 -21.35 -6.82
CA PRO A 44 5.30 -22.01 -7.86
C PRO A 44 5.04 -23.51 -7.95
N HIS A 45 4.49 -24.05 -6.87
CA HIS A 45 4.19 -25.48 -6.82
C HIS A 45 2.77 -25.85 -7.26
N PHE A 46 2.05 -24.87 -7.77
CA PHE A 46 0.67 -25.08 -8.22
C PHE A 46 0.64 -25.12 -9.75
N ASP A 47 -0.45 -25.64 -10.28
CA ASP A 47 -0.61 -25.73 -11.74
C ASP A 47 -1.70 -24.69 -11.56
N LEU A 48 -1.56 -23.60 -12.29
CA LEU A 48 -2.55 -22.51 -12.20
C LEU A 48 -3.31 -22.49 -13.53
N SER A 49 -3.38 -23.65 -14.16
CA SER A 49 -4.07 -23.75 -15.45
C SER A 49 -5.47 -23.51 -14.87
N HIS A 50 -6.32 -22.93 -15.69
CA HIS A 50 -7.70 -22.63 -15.26
C HIS A 50 -8.34 -24.00 -15.04
N GLY A 51 -9.03 -24.13 -13.92
CA GLY A 51 -9.69 -25.39 -13.57
C GLY A 51 -8.99 -26.57 -12.90
N SER A 52 -7.71 -26.36 -12.58
CA SER A 52 -6.92 -27.42 -11.93
C SER A 52 -7.40 -27.62 -10.49
N ALA A 53 -7.49 -28.87 -10.09
CA ALA A 53 -7.95 -29.21 -8.74
C ALA A 53 -7.13 -28.57 -7.62
N GLN A 54 -5.89 -28.21 -7.94
CA GLN A 54 -5.00 -27.60 -6.96
C GLN A 54 -5.58 -26.25 -6.50
N VAL A 55 -6.06 -25.49 -7.45
CA VAL A 55 -6.63 -24.17 -7.15
C VAL A 55 -8.09 -24.28 -6.69
N LYS A 56 -8.77 -25.31 -7.17
CA LYS A 56 -10.18 -25.52 -6.82
C LYS A 56 -10.12 -25.93 -5.35
N GLY A 57 -9.13 -26.73 -5.02
CA GLY A 57 -8.97 -27.21 -3.63
C GLY A 57 -8.57 -26.13 -2.63
N HIS A 58 -7.68 -25.25 -3.07
CA HIS A 58 -7.20 -24.16 -2.21
C HIS A 58 -8.36 -23.19 -1.94
N GLY A 59 -9.16 -22.99 -2.96
CA GLY A 59 -10.31 -22.07 -2.84
C GLY A 59 -11.43 -22.51 -1.90
N LYS A 60 -11.55 -23.81 -1.73
CA LYS A 60 -12.60 -24.36 -0.86
C LYS A 60 -12.02 -24.14 0.54
N LYS A 61 -10.71 -24.28 0.62
CA LYS A 61 -10.00 -24.11 1.91
C LYS A 61 -10.05 -22.64 2.37
N VAL A 62 -9.93 -21.75 1.41
CA VAL A 62 -9.96 -20.31 1.73
C VAL A 62 -11.37 -19.79 2.01
N ALA A 63 -12.32 -20.32 1.26
CA ALA A 63 -13.72 -19.91 1.42
C ALA A 63 -14.23 -20.45 2.76
N ASP A 64 -13.73 -21.62 3.12
CA ASP A 64 -14.13 -22.26 4.40
C ASP A 64 -13.61 -21.56 5.65
N ALA A 65 -12.43 -20.98 5.53
CA ALA A 65 -11.82 -20.27 6.66
C ALA A 65 -12.63 -18.98 6.77
N LEU A 66 -13.10 -18.51 5.63
CA LEU A 66 -13.89 -17.27 5.60
C LEU A 66 -15.28 -17.48 6.21
N THR A 67 -15.85 -18.63 5.94
CA THR A 67 -17.18 -18.96 6.46
C THR A 67 -17.05 -19.10 7.98
N ASN A 68 -15.97 -19.70 8.41
CA ASN A 68 -15.71 -19.89 9.85
C ASN A 68 -15.55 -18.53 10.52
N ALA A 69 -14.99 -17.59 9.77
CA ALA A 69 -14.76 -16.25 10.31
C ALA A 69 -16.04 -15.43 10.43
N VAL A 70 -16.96 -15.67 9.51
CA VAL A 70 -18.24 -14.96 9.51
C VAL A 70 -19.07 -15.54 10.65
N ALA A 71 -18.84 -16.81 10.92
CA ALA A 71 -19.58 -17.50 11.99
C ALA A 71 -19.07 -17.04 13.35
N HIS A 72 -17.90 -16.45 13.35
CA HIS A 72 -17.29 -15.96 14.59
C HIS A 72 -16.85 -14.50 14.55
N VAL A 73 -17.54 -13.72 13.74
CA VAL A 73 -17.22 -12.30 13.59
C VAL A 73 -17.00 -11.46 14.85
N ASP A 74 -17.40 -12.01 15.97
CA ASP A 74 -17.26 -11.31 17.26
C ASP A 74 -16.02 -11.78 18.03
N ASP A 75 -15.55 -12.95 17.67
CA ASP A 75 -14.35 -13.52 18.34
C ASP A 75 -13.35 -13.96 17.28
N MET A 76 -13.27 -13.20 16.20
CA MET A 76 -12.34 -13.52 15.11
C MET A 76 -10.87 -13.86 15.23
N PRO A 77 -10.19 -13.16 16.11
CA PRO A 77 -8.75 -13.38 16.33
C PRO A 77 -8.45 -14.77 16.86
N ASN A 78 -9.29 -15.23 17.78
CA ASN A 78 -9.11 -16.56 18.38
C ASN A 78 -9.45 -17.63 17.34
N ALA A 79 -10.52 -17.39 16.60
CA ALA A 79 -10.96 -18.34 15.57
C ALA A 79 -10.00 -18.57 14.40
N LEU A 80 -9.32 -17.51 14.01
CA LEU A 80 -8.37 -17.60 12.90
C LEU A 80 -6.94 -17.73 13.41
N SER A 81 -6.83 -18.02 14.69
CA SER A 81 -5.50 -18.18 15.32
C SER A 81 -4.41 -19.06 14.72
N ALA A 82 -4.74 -20.32 14.53
CA ALA A 82 -3.78 -21.27 13.97
C ALA A 82 -3.40 -20.81 12.56
N LEU A 83 -4.34 -20.15 11.90
CA LEU A 83 -4.10 -19.66 10.55
C LEU A 83 -3.22 -18.40 10.55
N SER A 84 -3.35 -17.61 11.60
CA SER A 84 -2.56 -16.38 11.73
C SER A 84 -1.16 -16.94 11.96
N ASP A 85 -1.10 -18.00 12.76
CA ASP A 85 0.19 -18.62 13.08
C ASP A 85 0.84 -19.18 11.80
N LEU A 86 0.03 -19.81 10.99
CA LEU A 86 0.52 -20.38 9.73
C LEU A 86 1.15 -19.39 8.76
N HIS A 87 0.32 -18.51 8.22
CA HIS A 87 0.79 -17.51 7.27
C HIS A 87 1.99 -16.75 7.86
N ALA A 88 1.87 -16.40 9.12
CA ALA A 88 2.94 -15.66 9.81
C ALA A 88 4.34 -16.27 9.91
N HIS A 89 4.37 -17.56 10.17
CA HIS A 89 5.65 -18.27 10.30
C HIS A 89 6.24 -19.30 9.33
N LYS A 90 5.37 -19.93 8.59
CA LYS A 90 5.79 -20.95 7.61
C LYS A 90 5.66 -20.20 6.29
N LEU A 91 4.42 -19.88 5.95
CA LEU A 91 4.14 -19.16 4.70
C LEU A 91 4.69 -17.75 4.41
N ARG A 92 4.58 -16.90 5.40
CA ARG A 92 5.07 -15.51 5.26
C ARG A 92 4.77 -14.70 3.99
N VAL A 93 3.51 -14.65 3.63
CA VAL A 93 3.10 -13.90 2.43
C VAL A 93 3.08 -12.44 2.86
N ASP A 94 3.66 -11.60 2.03
CA ASP A 94 3.72 -10.17 2.33
C ASP A 94 2.29 -9.61 2.39
N PRO A 95 2.00 -8.90 3.46
CA PRO A 95 0.68 -8.31 3.64
C PRO A 95 0.02 -7.39 2.60
N VAL A 96 0.84 -6.92 1.67
CA VAL A 96 0.36 -6.02 0.62
C VAL A 96 -0.58 -6.89 -0.22
N ASN A 97 -0.33 -8.18 -0.19
CA ASN A 97 -1.15 -9.13 -0.96
C ASN A 97 -2.54 -9.54 -0.48
N PHE A 98 -2.81 -9.25 0.78
CA PHE A 98 -4.12 -9.61 1.37
C PHE A 98 -5.07 -8.57 0.78
N LYS A 99 -4.55 -7.38 0.56
CA LYS A 99 -5.36 -6.29 0.00
C LYS A 99 -5.80 -6.72 -1.40
N LEU A 100 -4.92 -7.44 -2.07
CA LEU A 100 -5.21 -7.92 -3.43
C LEU A 100 -6.23 -9.03 -3.63
N LEU A 101 -6.15 -10.02 -2.77
CA LEU A 101 -7.08 -11.16 -2.84
C LEU A 101 -8.41 -10.65 -2.30
N SER A 102 -8.33 -9.78 -1.31
CA SER A 102 -9.52 -9.21 -0.69
C SER A 102 -10.38 -8.54 -1.75
N HIS A 103 -9.73 -7.89 -2.69
CA HIS A 103 -10.43 -7.19 -3.77
C HIS A 103 -11.06 -8.03 -4.89
N CYS A 104 -10.41 -9.13 -5.20
CA CYS A 104 -10.90 -10.03 -6.26
C CYS A 104 -12.08 -10.79 -5.67
N LEU A 105 -12.10 -10.86 -4.34
CA LEU A 105 -13.18 -11.58 -3.65
C LEU A 105 -14.37 -10.61 -3.68
N LEU A 106 -14.10 -9.36 -3.41
CA LEU A 106 -15.15 -8.34 -3.40
C LEU A 106 -15.75 -8.48 -4.80
N VAL A 107 -14.88 -8.47 -5.80
CA VAL A 107 -15.32 -8.60 -7.19
C VAL A 107 -16.04 -9.88 -7.64
N THR A 108 -15.61 -10.99 -7.07
CA THR A 108 -16.21 -12.28 -7.41
C THR A 108 -17.62 -12.30 -6.82
N LEU A 109 -17.76 -11.66 -5.68
CA LEU A 109 -19.06 -11.60 -4.99
C LEU A 109 -20.02 -10.66 -5.71
N ALA A 110 -19.45 -9.58 -6.23
CA ALA A 110 -20.27 -8.58 -6.95
C ALA A 110 -20.90 -9.20 -8.20
N ALA A 111 -20.15 -10.12 -8.80
CA ALA A 111 -20.62 -10.79 -10.02
C ALA A 111 -21.55 -11.99 -9.89
N HIS A 112 -21.85 -12.34 -8.65
CA HIS A 112 -22.72 -13.49 -8.38
C HIS A 112 -24.01 -13.29 -7.57
N LEU A 113 -24.13 -12.12 -6.98
CA LEU A 113 -25.32 -11.80 -6.17
C LEU A 113 -25.70 -10.54 -6.94
N PRO A 114 -26.09 -10.73 -8.19
CA PRO A 114 -26.48 -9.60 -9.05
C PRO A 114 -26.75 -8.46 -8.07
N ALA A 115 -27.69 -8.70 -7.16
CA ALA A 115 -28.05 -7.69 -6.17
C ALA A 115 -28.36 -7.88 -4.68
N GLU A 116 -27.37 -8.36 -3.96
CA GLU A 116 -27.54 -8.61 -2.51
C GLU A 116 -26.42 -7.57 -2.36
N PHE A 117 -25.57 -7.50 -3.37
CA PHE A 117 -24.45 -6.55 -3.34
C PHE A 117 -24.81 -5.07 -3.30
N THR A 118 -25.35 -4.65 -2.17
CA THR A 118 -25.76 -3.24 -2.00
C THR A 118 -24.51 -2.42 -1.66
N PRO A 119 -24.57 -1.15 -2.01
CA PRO A 119 -23.44 -0.25 -1.75
C PRO A 119 -23.15 -0.27 -0.25
N ALA A 120 -24.21 -0.39 0.53
CA ALA A 120 -24.07 -0.42 1.99
C ALA A 120 -23.43 -1.75 2.38
N VAL A 121 -23.70 -2.76 1.58
CA VAL A 121 -23.15 -4.09 1.85
C VAL A 121 -21.75 -4.22 1.22
N HIS A 122 -21.57 -3.55 0.10
CA HIS A 122 -20.28 -3.58 -0.60
C HIS A 122 -19.32 -3.04 0.47
N ALA A 123 -19.77 -2.02 1.16
CA ALA A 123 -18.95 -1.40 2.21
C ALA A 123 -18.62 -2.23 3.45
N SER A 124 -19.62 -2.95 3.94
CA SER A 124 -19.44 -3.78 5.14
C SER A 124 -18.53 -4.97 4.79
N LEU A 125 -18.60 -5.38 3.54
CA LEU A 125 -17.78 -6.51 3.07
C LEU A 125 -16.30 -6.17 2.91
N ASP A 126 -16.05 -4.99 2.35
CA ASP A 126 -14.68 -4.54 2.12
C ASP A 126 -14.22 -4.51 3.59
N LYS A 127 -15.01 -3.85 4.41
CA LYS A 127 -14.68 -3.74 5.84
C LYS A 127 -14.41 -5.05 6.58
N PHE A 128 -15.20 -6.05 6.25
CA PHE A 128 -15.05 -7.37 6.89
C PHE A 128 -13.75 -8.03 6.45
N LEU A 129 -13.50 -7.96 5.14
CA LEU A 129 -12.30 -8.56 4.58
C LEU A 129 -10.98 -7.91 5.03
N ALA A 130 -11.09 -6.65 5.40
CA ALA A 130 -9.91 -5.90 5.85
C ALA A 130 -9.62 -6.34 7.28
N SER A 131 -10.67 -6.76 7.97
CA SER A 131 -10.54 -7.21 9.35
C SER A 131 -9.89 -8.60 9.37
N VAL A 132 -10.32 -9.43 8.43
CA VAL A 132 -9.78 -10.80 8.34
C VAL A 132 -8.31 -10.66 7.95
N SER A 133 -8.04 -9.81 6.98
CA SER A 133 -6.67 -9.61 6.52
C SER A 133 -5.76 -9.17 7.67
N THR A 134 -6.30 -8.33 8.54
CA THR A 134 -5.54 -7.84 9.69
C THR A 134 -5.24 -8.85 10.80
N VAL A 135 -6.18 -9.75 11.00
CA VAL A 135 -6.04 -10.77 12.05
C VAL A 135 -4.96 -11.74 11.53
N LEU A 136 -5.05 -12.04 10.25
CA LEU A 136 -4.08 -12.96 9.63
C LEU A 136 -2.67 -12.38 9.48
N THR A 137 -2.60 -11.06 9.46
CA THR A 137 -1.32 -10.37 9.32
C THR A 137 -0.74 -10.07 10.70
N SER A 138 -1.58 -10.24 11.71
CA SER A 138 -1.15 -9.98 13.09
C SER A 138 0.06 -10.38 13.95
N LYS A 139 0.50 -11.61 13.76
CA LYS A 139 1.66 -12.11 14.51
C LYS A 139 2.93 -12.16 13.67
N TYR A 140 2.95 -11.35 12.62
CA TYR A 140 4.11 -11.28 11.73
C TYR A 140 5.44 -10.81 12.30
N ARG A 141 5.37 -9.80 13.13
CA ARG A 141 6.59 -9.23 13.75
C ARG A 141 5.91 -8.69 15.01
C ACE B 1 0.92 -0.22 -20.74
O ACE B 1 1.20 0.98 -20.74
CH3 ACE B 1 -0.44 -0.72 -21.22
N GLY B 2 1.75 -1.16 -20.33
CA GLY B 2 3.10 -0.83 -19.84
C GLY B 2 2.21 -0.74 -21.07
N HIS B 3 1.12 -1.51 -21.05
CA HIS B 3 0.19 -1.53 -22.19
C HIS B 3 -0.59 -2.79 -22.55
N PHE B 4 -1.29 -2.73 -23.66
CA PHE B 4 -2.08 -3.88 -24.12
C PHE B 4 -2.33 -4.76 -25.34
N THR B 5 -2.43 -6.05 -25.10
CA THR B 5 -2.65 -7.01 -26.19
C THR B 5 -3.97 -6.63 -26.86
N GLU B 6 -4.02 -6.82 -28.16
CA GLU B 6 -5.23 -6.50 -28.93
C GLU B 6 -6.47 -7.25 -28.41
N GLU B 7 -6.22 -8.43 -27.88
CA GLU B 7 -7.31 -9.26 -27.35
C GLU B 7 -7.73 -8.53 -26.07
N ASP B 8 -6.80 -7.77 -25.52
CA ASP B 8 -7.07 -7.03 -24.29
C ASP B 8 -8.01 -5.92 -24.78
N LYS B 9 -7.43 -4.93 -25.41
CA LYS B 9 -8.20 -3.80 -25.93
C LYS B 9 -9.50 -3.95 -26.75
N ALA B 10 -9.68 -5.13 -27.31
CA ALA B 10 -10.87 -5.40 -28.12
C ALA B 10 -11.81 -5.64 -26.93
N THR B 11 -11.28 -6.27 -25.91
CA THR B 11 -12.07 -6.57 -24.71
C THR B 11 -12.72 -5.48 -23.86
N ILE B 12 -11.94 -4.46 -23.57
CA ILE B 12 -12.43 -3.34 -22.75
C ILE B 12 -13.28 -2.46 -23.66
N THR B 13 -13.03 -2.57 -24.95
CA THR B 13 -13.78 -1.78 -25.94
C THR B 13 -15.25 -2.14 -26.20
N SER B 14 -15.54 -3.43 -26.10
CA SER B 14 -16.91 -3.90 -26.34
C SER B 14 -17.75 -3.98 -25.06
N LEU B 15 -17.07 -4.17 -23.94
CA LEU B 15 -17.77 -4.27 -22.66
C LEU B 15 -18.29 -2.84 -22.51
N TRP B 16 -17.45 -1.90 -22.89
CA TRP B 16 -17.82 -0.48 -22.80
C TRP B 16 -18.90 0.13 -23.71
N GLY B 17 -19.10 -0.51 -24.84
CA GLY B 17 -20.10 -0.04 -25.81
C GLY B 17 -21.45 -0.40 -25.21
N LYS B 18 -21.41 -1.26 -24.20
CA LYS B 18 -22.64 -1.70 -23.54
C LYS B 18 -22.96 -0.87 -22.29
N VAL B 19 -21.97 -0.12 -21.84
CA VAL B 19 -22.14 0.72 -20.64
C VAL B 19 -22.93 2.02 -20.81
N ASN B 20 -23.84 2.25 -19.90
CA ASN B 20 -24.67 3.47 -19.94
C ASN B 20 -23.77 4.26 -18.99
N VAL B 21 -22.98 5.15 -19.57
CA VAL B 21 -22.05 5.98 -18.77
C VAL B 21 -22.64 6.86 -17.67
N GLU B 22 -23.70 7.56 -18.01
CA GLU B 22 -24.36 8.45 -17.04
C GLU B 22 -24.73 7.72 -15.75
N ASP B 23 -25.33 6.55 -15.90
CA ASP B 23 -25.75 5.75 -14.75
C ASP B 23 -24.76 4.84 -14.01
N ALA B 24 -23.68 4.51 -14.70
CA ALA B 24 -22.65 3.63 -14.12
C ALA B 24 -21.66 4.53 -13.37
N GLY B 25 -21.62 5.79 -13.77
CA GLY B 25 -20.71 6.75 -13.14
C GLY B 25 -21.29 7.33 -11.86
N GLY B 26 -22.60 7.49 -11.85
CA GLY B 26 -23.29 8.03 -10.67
C GLY B 26 -23.11 6.93 -9.63
N GLU B 27 -22.99 5.71 -10.10
CA GLU B 27 -22.82 4.56 -9.21
C GLU B 27 -21.48 4.29 -8.53
N THR B 28 -20.41 4.45 -9.29
CA THR B 28 -19.06 4.22 -8.76
C THR B 28 -18.62 5.36 -7.85
N LEU B 29 -18.95 6.58 -8.26
CA LEU B 29 -18.59 7.76 -7.47
C LEU B 29 -19.44 7.66 -6.21
N GLY B 30 -20.64 7.15 -6.37
CA GLY B 30 -21.56 7.00 -5.23
C GLY B 30 -21.03 5.98 -4.24
N ARG B 31 -20.52 4.88 -4.77
CA ARG B 31 -19.99 3.81 -3.92
C ARG B 31 -18.58 4.09 -3.38
N LEU B 32 -17.91 5.02 -4.01
CA LEU B 32 -16.55 5.38 -3.60
C LEU B 32 -16.79 6.19 -2.32
N LEU B 33 -17.72 7.11 -2.40
CA LEU B 33 -18.05 7.96 -1.26
C LEU B 33 -18.55 7.17 -0.04
N VAL B 34 -19.18 6.05 -0.31
CA VAL B 34 -19.71 5.20 0.76
C VAL B 34 -18.80 4.13 1.37
N VAL B 35 -17.98 3.54 0.53
CA VAL B 35 -17.06 2.49 0.99
C VAL B 35 -15.77 3.09 1.58
N TYR B 36 -15.36 4.20 1.01
CA TYR B 36 -14.14 4.87 1.48
C TYR B 36 -14.59 6.28 1.86
N PRO B 37 -15.50 6.34 2.80
CA PRO B 37 -16.03 7.64 3.26
C PRO B 37 -15.23 8.93 3.50
N TRP B 38 -13.92 8.81 3.39
CA TRP B 38 -13.04 9.96 3.60
C TRP B 38 -12.80 10.64 2.25
N THR B 39 -13.48 10.14 1.24
CA THR B 39 -13.34 10.69 -0.11
C THR B 39 -14.42 11.77 0.00
N GLN B 40 -15.31 11.57 0.95
CA GLN B 40 -16.42 12.53 1.16
C GLN B 40 -15.61 13.83 1.13
N ARG B 41 -14.46 13.80 1.78
CA ARG B 41 -13.60 14.99 1.82
C ARG B 41 -13.59 16.18 0.86
N PHE B 42 -13.73 15.87 -0.42
CA PHE B 42 -13.73 16.92 -1.45
C PHE B 42 -15.11 17.40 -1.89
N PHE B 43 -16.13 16.94 -1.18
CA PHE B 43 -17.51 17.34 -1.50
C PHE B 43 -18.74 17.76 -0.71
N ASP B 44 -18.52 18.64 0.25
CA ASP B 44 -19.63 19.14 1.09
C ASP B 44 -20.12 20.45 0.48
N SER B 45 -20.01 20.53 -0.84
CA SER B 45 -20.44 21.74 -1.56
C SER B 45 -21.70 20.99 -1.98
N PHE B 46 -21.62 19.67 -1.92
CA PHE B 46 -22.77 18.83 -2.32
C PHE B 46 -24.06 18.41 -1.63
N GLY B 47 -24.17 18.78 -0.37
CA GLY B 47 -25.36 18.44 0.42
C GLY B 47 -25.38 17.21 1.34
N ASN B 48 -26.52 16.57 1.41
CA ASN B 48 -26.67 15.38 2.25
C ASN B 48 -25.79 14.23 1.76
N LEU B 49 -24.73 13.97 2.50
CA LEU B 49 -23.79 12.91 2.14
C LEU B 49 -23.74 11.90 3.30
N SER B 50 -24.75 11.97 4.14
CA SER B 50 -24.82 11.05 5.30
C SER B 50 -25.22 9.62 5.63
N SER B 51 -25.88 8.98 4.69
CA SER B 51 -26.32 7.59 4.87
C SER B 51 -26.01 7.16 3.44
N ALA B 52 -25.84 5.87 3.26
CA ALA B 52 -25.53 5.33 1.93
C ALA B 52 -26.67 5.68 0.96
N SER B 53 -27.85 5.85 1.51
CA SER B 53 -29.03 6.19 0.70
C SER B 53 -29.15 7.64 0.23
N ALA B 54 -28.68 8.54 1.05
CA ALA B 54 -28.74 9.97 0.72
C ALA B 54 -27.69 10.25 -0.35
N ILE B 55 -26.63 9.47 -0.32
CA ILE B 55 -25.54 9.63 -1.30
C ILE B 55 -25.75 9.04 -2.69
N MET B 56 -26.33 7.86 -2.72
CA MET B 56 -26.59 7.18 -4.00
C MET B 56 -27.72 7.91 -4.72
N GLY B 57 -28.40 8.76 -3.98
CA GLY B 57 -29.52 9.54 -4.55
C GLY B 57 -29.23 11.02 -4.76
N ASN B 58 -28.12 11.46 -4.22
CA ASN B 58 -27.73 12.87 -4.34
C ASN B 58 -27.43 13.14 -5.83
N PRO B 59 -28.09 14.13 -6.36
CA PRO B 59 -27.90 14.48 -7.79
C PRO B 59 -26.60 15.16 -8.23
N LYS B 60 -25.94 15.78 -7.26
CA LYS B 60 -24.68 16.49 -7.55
C LYS B 60 -23.67 15.34 -7.68
N VAL B 61 -23.86 14.32 -6.88
CA VAL B 61 -22.95 13.16 -6.91
C VAL B 61 -23.19 12.48 -8.25
N LYS B 62 -24.46 12.23 -8.56
CA LYS B 62 -24.81 11.57 -9.82
C LYS B 62 -24.22 12.31 -11.01
N ALA B 63 -24.22 13.63 -10.93
CA ALA B 63 -23.69 14.46 -12.01
C ALA B 63 -22.18 14.50 -12.27
N HIS B 64 -21.42 14.65 -11.20
CA HIS B 64 -19.95 14.70 -11.32
C HIS B 64 -19.51 13.26 -11.55
N GLY B 65 -20.36 12.33 -11.14
CA GLY B 65 -20.05 10.90 -11.30
C GLY B 65 -19.92 10.66 -12.81
N LYS B 66 -20.87 11.19 -13.56
CA LYS B 66 -20.87 11.02 -15.01
C LYS B 66 -19.84 11.92 -15.70
N LYS B 67 -19.56 13.04 -15.08
CA LYS B 67 -18.59 14.00 -15.65
C LYS B 67 -17.28 13.21 -15.65
N VAL B 68 -16.98 12.62 -14.51
CA VAL B 68 -15.75 11.83 -14.37
C VAL B 68 -15.64 10.67 -15.37
N LEU B 69 -16.69 9.88 -15.41
CA LEU B 69 -16.74 8.72 -16.32
C LEU B 69 -16.72 8.96 -17.83
N THR B 70 -17.15 10.14 -18.22
CA THR B 70 -17.19 10.50 -19.65
C THR B 70 -15.76 10.96 -19.92
N SER B 71 -15.15 11.56 -18.91
CA SER B 71 -13.78 12.08 -19.05
C SER B 71 -13.03 10.78 -19.36
N LEU B 72 -13.43 9.71 -18.69
CA LEU B 72 -12.80 8.40 -18.89
C LEU B 72 -13.13 7.59 -20.15
N GLY B 73 -14.37 7.70 -20.58
CA GLY B 73 -14.81 6.96 -21.78
C GLY B 73 -13.89 7.48 -22.88
N ASP B 74 -13.73 8.79 -22.93
CA ASP B 74 -12.87 9.42 -23.95
C ASP B 74 -11.40 9.02 -24.05
N ALA B 75 -10.88 8.46 -22.97
CA ALA B 75 -9.48 8.04 -22.94
C ALA B 75 -9.41 6.60 -23.46
N ILE B 76 -10.55 5.94 -23.44
CA ILE B 76 -10.63 4.56 -23.90
C ILE B 76 -10.13 4.67 -25.35
N LYS B 77 -10.36 5.82 -25.93
CA LYS B 77 -9.94 6.07 -27.32
C LYS B 77 -8.49 6.32 -27.70
N HIS B 78 -7.69 6.66 -26.71
CA HIS B 78 -6.26 6.95 -26.95
C HIS B 78 -5.63 6.09 -25.85
N LEU B 79 -5.88 4.80 -25.93
CA LEU B 79 -5.35 3.85 -24.93
C LEU B 79 -3.84 3.85 -25.16
N ASP B 80 -3.44 4.34 -26.32
CA ASP B 80 -2.01 4.38 -26.68
C ASP B 80 -1.10 5.43 -26.03
N ASP B 81 -1.72 6.46 -25.50
CA ASP B 81 -0.96 7.54 -24.85
C ASP B 81 -1.99 8.20 -23.93
N LEU B 82 -2.16 7.61 -22.76
CA LEU B 82 -3.13 8.13 -21.79
C LEU B 82 -2.49 9.33 -21.07
N LYS B 83 -1.17 9.34 -21.06
CA LYS B 83 -0.42 10.43 -20.40
C LYS B 83 -0.66 11.75 -21.13
N GLY B 84 -0.68 11.67 -22.45
CA GLY B 84 -0.89 12.88 -23.27
C GLY B 84 -2.36 13.28 -23.21
N THR B 85 -3.22 12.28 -23.07
CA THR B 85 -4.67 12.54 -23.00
C THR B 85 -5.13 13.23 -21.72
N PHE B 86 -4.44 12.91 -20.64
CA PHE B 86 -4.79 13.50 -19.33
C PHE B 86 -3.87 14.50 -18.63
N ALA B 87 -2.86 14.95 -19.35
CA ALA B 87 -1.90 15.92 -18.79
C ALA B 87 -2.48 17.21 -18.23
N GLN B 88 -3.54 17.68 -18.86
CA GLN B 88 -4.17 18.93 -18.42
C GLN B 88 -5.06 18.67 -17.20
N LEU B 89 -5.70 17.52 -17.20
CA LEU B 89 -6.59 17.15 -16.08
C LEU B 89 -5.72 16.79 -14.88
N SER B 90 -4.52 16.33 -15.16
CA SER B 90 -3.59 15.94 -14.09
C SER B 90 -3.08 17.22 -13.43
N GLU B 91 -2.57 18.12 -14.25
CA GLU B 91 -2.03 19.39 -13.75
C GLU B 91 -3.12 20.06 -12.90
N LEU B 92 -4.34 19.98 -13.37
CA LEU B 92 -5.47 20.59 -12.66
C LEU B 92 -5.91 19.99 -11.31
N HIS B 93 -5.77 18.69 -11.22
CA HIS B 93 -6.16 17.99 -9.98
C HIS B 93 -5.08 18.20 -8.91
N CYS B 94 -3.89 18.50 -9.37
CA CYS B 94 -2.76 18.73 -8.45
C CYS B 94 -2.80 20.20 -8.02
N ASP B 95 -2.49 21.08 -8.97
CA ASP B 95 -2.48 22.52 -8.69
C ASP B 95 -3.69 23.26 -8.12
N LYS B 96 -4.86 22.85 -8.55
CA LYS B 96 -6.10 23.49 -8.08
C LYS B 96 -7.10 22.74 -7.19
N LEU B 97 -7.23 21.45 -7.45
CA LEU B 97 -8.16 20.62 -6.66
C LEU B 97 -7.54 19.99 -5.43
N HIS B 98 -6.25 19.76 -5.50
CA HIS B 98 -5.53 19.14 -4.38
C HIS B 98 -6.04 17.76 -3.96
N VAL B 99 -6.20 16.89 -4.93
CA VAL B 99 -6.69 15.54 -4.66
C VAL B 99 -5.55 14.54 -4.53
N ASP B 100 -5.58 13.79 -3.43
CA ASP B 100 -4.54 12.78 -3.17
C ASP B 100 -4.79 11.81 -4.32
N PRO B 101 -3.82 11.71 -5.21
CA PRO B 101 -3.95 10.81 -6.36
C PRO B 101 -4.19 9.35 -5.98
N GLU B 102 -4.08 9.07 -4.70
CA GLU B 102 -4.28 7.71 -4.20
C GLU B 102 -5.74 7.40 -4.51
N ASN B 103 -6.54 8.45 -4.60
CA ASN B 103 -7.98 8.29 -4.88
C ASN B 103 -8.35 7.73 -6.25
N PHE B 104 -7.51 8.00 -7.23
CA PHE B 104 -7.76 7.53 -8.60
C PHE B 104 -7.74 6.00 -8.54
N LYS B 105 -6.82 5.49 -7.73
CA LYS B 105 -6.69 4.03 -7.58
C LYS B 105 -7.93 3.48 -6.87
N LEU B 106 -8.34 4.18 -5.83
CA LEU B 106 -9.50 3.77 -5.05
C LEU B 106 -10.75 3.70 -5.93
N LEU B 107 -10.88 4.68 -6.80
CA LEU B 107 -12.04 4.74 -7.71
C LEU B 107 -11.90 3.73 -8.85
N GLY B 108 -10.67 3.46 -9.22
CA GLY B 108 -10.39 2.52 -10.31
C GLY B 108 -10.95 1.16 -9.86
N ASN B 109 -10.73 0.87 -8.59
CA ASN B 109 -11.22 -0.41 -8.03
C ASN B 109 -12.70 -0.55 -7.72
N VAL B 110 -13.34 0.57 -7.46
CA VAL B 110 -14.77 0.57 -7.14
C VAL B 110 -15.39 0.31 -8.51
N LEU B 111 -14.80 0.93 -9.51
CA LEU B 111 -15.30 0.77 -10.89
C LEU B 111 -15.22 -0.61 -11.54
N VAL B 112 -14.23 -1.37 -11.12
CA VAL B 112 -14.02 -2.72 -11.66
C VAL B 112 -15.18 -3.46 -10.97
N THR B 113 -15.45 -3.04 -9.75
CA THR B 113 -16.53 -3.67 -8.96
C THR B 113 -17.94 -3.41 -9.51
N VAL B 114 -18.17 -2.18 -9.94
CA VAL B 114 -19.49 -1.80 -10.48
C VAL B 114 -19.69 -2.49 -11.83
N LEU B 115 -18.59 -2.76 -12.50
CA LEU B 115 -18.66 -3.41 -13.81
C LEU B 115 -18.98 -4.89 -13.64
N ALA B 116 -18.52 -5.45 -12.53
CA ALA B 116 -18.76 -6.87 -12.24
C ALA B 116 -20.23 -7.01 -11.85
N ILE B 117 -20.70 -6.06 -11.07
CA ILE B 117 -22.11 -6.07 -10.62
C ILE B 117 -23.03 -6.03 -11.83
N HIS B 118 -22.75 -5.10 -12.73
CA HIS B 118 -23.57 -4.93 -13.93
C HIS B 118 -23.60 -6.06 -14.98
N PHE B 119 -22.42 -6.53 -15.33
CA PHE B 119 -22.31 -7.61 -16.33
C PHE B 119 -22.20 -9.06 -15.86
N GLY B 120 -22.24 -9.24 -14.55
CA GLY B 120 -22.14 -10.58 -13.97
C GLY B 120 -21.08 -11.51 -14.57
N LYS B 121 -21.54 -12.66 -15.04
CA LYS B 121 -20.64 -13.64 -15.64
C LYS B 121 -19.90 -13.24 -16.91
N GLU B 122 -20.36 -12.17 -17.52
CA GLU B 122 -19.74 -11.67 -18.77
C GLU B 122 -18.39 -11.05 -18.39
N PHE B 123 -18.32 -10.55 -17.17
CA PHE B 123 -17.09 -9.92 -16.69
C PHE B 123 -16.20 -11.04 -16.14
N THR B 124 -15.51 -11.71 -17.03
CA THR B 124 -14.63 -12.82 -16.63
C THR B 124 -13.25 -12.39 -16.14
N PRO B 125 -12.64 -13.22 -15.32
CA PRO B 125 -11.31 -12.94 -14.79
C PRO B 125 -10.34 -12.33 -15.80
N GLU B 126 -10.42 -12.82 -17.03
CA GLU B 126 -9.54 -12.32 -18.09
C GLU B 126 -9.94 -10.94 -18.59
N VAL B 127 -11.20 -10.61 -18.41
CA VAL B 127 -11.71 -9.31 -18.85
C VAL B 127 -11.43 -8.28 -17.75
N GLN B 128 -11.39 -8.76 -16.52
CA GLN B 128 -11.13 -7.87 -15.37
C GLN B 128 -9.66 -7.48 -15.49
N ALA B 129 -8.83 -8.47 -15.76
CA ALA B 129 -7.39 -8.23 -15.89
C ALA B 129 -7.04 -7.12 -16.89
N SER B 130 -7.82 -7.07 -17.97
CA SER B 130 -7.59 -6.06 -19.01
C SER B 130 -7.95 -4.69 -18.43
N TRP B 131 -9.03 -4.68 -17.65
CA TRP B 131 -9.49 -3.42 -17.03
C TRP B 131 -8.72 -2.97 -15.79
N GLN B 132 -7.96 -3.89 -15.23
CA GLN B 132 -7.18 -3.60 -14.02
C GLN B 132 -6.00 -2.85 -14.64
N LYS B 133 -5.64 -3.27 -15.84
CA LYS B 133 -4.51 -2.64 -16.55
C LYS B 133 -4.93 -1.23 -16.93
N MET B 134 -6.15 -1.11 -17.42
CA MET B 134 -6.68 0.19 -17.83
C MET B 134 -6.86 1.17 -16.67
N VAL B 135 -7.58 0.72 -15.65
CA VAL B 135 -7.83 1.57 -14.48
C VAL B 135 -6.51 2.02 -13.83
N THR B 136 -5.53 1.15 -13.88
CA THR B 136 -4.22 1.46 -13.29
C THR B 136 -3.43 2.48 -14.12
N GLY B 137 -3.60 2.38 -15.43
CA GLY B 137 -2.89 3.30 -16.33
C GLY B 137 -3.55 4.68 -16.33
N VAL B 138 -4.83 4.69 -16.02
CA VAL B 138 -5.60 5.95 -15.98
C VAL B 138 -5.20 6.69 -14.70
N ALA B 139 -5.11 5.95 -13.62
CA ALA B 139 -4.75 6.54 -12.33
C ALA B 139 -3.30 7.03 -12.44
N SER B 140 -2.51 6.28 -13.18
CA SER B 140 -1.09 6.63 -13.36
C SER B 140 -0.88 7.89 -14.19
N ALA B 141 -1.72 8.05 -15.21
CA ALA B 141 -1.63 9.22 -16.08
C ALA B 141 -2.20 10.47 -15.42
N LEU B 142 -3.18 10.26 -14.56
CA LEU B 142 -3.82 11.37 -13.85
C LEU B 142 -2.87 11.91 -12.80
N SER B 143 -1.91 11.07 -12.42
CA SER B 143 -0.92 11.47 -11.40
C SER B 143 0.47 11.83 -11.92
N SER B 144 0.68 11.59 -13.20
CA SER B 144 1.97 11.87 -13.83
C SER B 144 2.55 13.26 -13.55
N ARG B 145 1.66 14.22 -13.36
CA ARG B 145 2.09 15.60 -13.09
C ARG B 145 1.84 16.29 -11.75
N TYR B 146 2.16 15.60 -10.68
CA TYR B 146 1.96 16.15 -9.33
C TYR B 146 3.38 16.63 -9.00
N HIS B 147 3.45 17.61 -8.12
CA HIS B 147 4.75 18.17 -7.71
C HIS B 147 4.81 19.01 -6.43
N VAL C 1 1.39 -6.00 17.34
CA VAL C 1 1.40 -5.82 18.80
C VAL C 1 2.82 -5.55 19.25
N LEU C 2 2.97 -4.65 20.20
CA LEU C 2 4.29 -4.29 20.71
C LEU C 2 4.59 -5.18 21.92
N SER C 3 5.73 -5.85 21.86
CA SER C 3 6.13 -6.75 22.95
C SER C 3 6.61 -5.65 23.90
N PRO C 4 7.11 -6.06 25.05
CA PRO C 4 7.60 -5.11 26.05
C PRO C 4 9.08 -4.77 25.87
N ALA C 5 9.74 -5.55 25.05
CA ALA C 5 11.17 -5.35 24.79
C ALA C 5 10.97 -4.18 23.81
N ASP C 6 9.85 -4.23 23.11
CA ASP C 6 9.53 -3.17 22.14
C ASP C 6 9.34 -1.82 22.84
N LYS C 7 8.60 -1.86 23.94
CA LYS C 7 8.34 -0.63 24.71
C LYS C 7 9.58 -0.06 25.37
N THR C 8 10.44 -0.95 25.84
CA THR C 8 11.68 -0.53 26.51
C THR C 8 12.43 0.20 25.40
N ASN C 9 12.48 -0.42 24.23
CA ASN C 9 13.17 0.16 23.08
C ASN C 9 12.70 1.52 22.55
N VAL C 10 11.39 1.69 22.53
CA VAL C 10 10.81 2.95 22.03
C VAL C 10 10.97 4.06 23.07
N LYS C 11 10.85 3.68 24.33
CA LYS C 11 10.98 4.65 25.43
C LYS C 11 12.40 5.18 25.55
N ALA C 12 13.36 4.31 25.33
CA ALA C 12 14.77 4.70 25.42
C ALA C 12 15.29 5.50 24.23
N ALA C 13 14.73 5.22 23.06
CA ALA C 13 15.14 5.91 21.84
C ALA C 13 14.52 7.30 21.80
N TRP C 14 13.28 7.39 22.27
CA TRP C 14 12.57 8.67 22.29
C TRP C 14 13.02 9.54 23.46
N GLY C 15 13.71 8.91 24.39
CA GLY C 15 14.20 9.62 25.58
C GLY C 15 15.40 10.45 25.12
N LYS C 16 16.16 9.89 24.20
CA LYS C 16 17.34 10.59 23.67
C LYS C 16 16.89 11.78 22.82
N VAL C 17 15.65 11.73 22.38
CA VAL C 17 15.10 12.79 21.54
C VAL C 17 14.75 13.87 22.58
N GLY C 18 14.09 13.42 23.64
CA GLY C 18 13.69 14.35 24.71
C GLY C 18 13.13 15.68 24.22
N ALA C 19 14.02 16.65 24.08
CA ALA C 19 13.60 17.99 23.63
C ALA C 19 13.86 18.48 22.20
N HIS C 20 14.49 17.63 21.41
CA HIS C 20 14.80 17.98 20.02
C HIS C 20 13.60 17.50 19.22
N ALA C 21 12.63 16.94 19.92
CA ALA C 21 11.42 16.42 19.27
C ALA C 21 10.52 17.19 18.30
N GLY C 22 10.37 18.48 18.57
CA GLY C 22 9.52 19.33 17.73
C GLY C 22 10.47 19.54 16.55
N GLU C 23 11.76 19.52 16.85
CA GLU C 23 12.79 19.70 15.81
C GLU C 23 12.86 18.53 14.83
N TYR C 24 12.89 17.34 15.38
CA TYR C 24 12.96 16.13 14.56
C TYR C 24 11.62 15.99 13.84
N GLY C 25 10.58 16.50 14.48
CA GLY C 25 9.23 16.43 13.91
C GLY C 25 9.00 17.33 12.70
N ALA C 26 9.72 18.44 12.68
CA ALA C 26 9.59 19.41 11.57
C ALA C 26 10.47 18.90 10.43
N GLU C 27 11.53 18.22 10.77
CA GLU C 27 12.46 17.68 9.76
C GLU C 27 11.83 16.50 9.03
N ALA C 28 11.12 15.68 9.78
CA ALA C 28 10.47 14.49 9.20
C ALA C 28 9.56 15.03 8.08
N LEU C 29 8.73 15.99 8.44
CA LEU C 29 7.81 16.58 7.46
C LEU C 29 8.38 17.18 6.18
N GLU C 30 9.51 17.85 6.30
CA GLU C 30 10.16 18.48 5.15
C GLU C 30 10.54 17.33 4.22
N ARG C 31 11.02 16.25 4.82
CA ARG C 31 11.44 15.08 4.04
C ARG C 31 10.29 14.35 3.35
N MET C 32 9.12 14.44 3.94
CA MET C 32 7.93 13.78 3.38
C MET C 32 7.54 14.59 2.15
N PHE C 33 7.44 15.90 2.35
CA PHE C 33 7.07 16.80 1.25
C PHE C 33 7.99 16.76 0.03
N LEU C 34 9.27 16.61 0.30
CA LEU C 34 10.27 16.56 -0.78
C LEU C 34 10.38 15.19 -1.44
N SER C 35 10.30 14.16 -0.63
CA SER C 35 10.41 12.78 -1.12
C SER C 35 9.09 12.20 -1.68
N PHE C 36 7.99 12.75 -1.21
CA PHE C 36 6.67 12.29 -1.66
C PHE C 36 5.73 13.49 -1.86
N PRO C 37 6.07 14.30 -2.85
CA PRO C 37 5.26 15.49 -3.14
C PRO C 37 3.75 15.28 -3.07
N THR C 38 3.34 14.04 -3.22
CA THR C 38 1.91 13.71 -3.18
C THR C 38 1.25 14.05 -1.85
N THR C 39 2.06 14.05 -0.79
CA THR C 39 1.55 14.36 0.55
C THR C 39 1.29 15.87 0.65
N LYS C 40 1.76 16.60 -0.34
CA LYS C 40 1.57 18.05 -0.35
C LYS C 40 0.11 18.48 -0.41
N THR C 41 -0.69 17.72 -1.12
CA THR C 41 -2.11 18.02 -1.26
C THR C 41 -2.99 18.21 -0.02
N TYR C 42 -2.47 17.80 1.12
CA TYR C 42 -3.21 17.92 2.38
C TYR C 42 -2.77 19.23 3.05
N PHE C 43 -1.87 19.93 2.37
CA PHE C 43 -1.36 21.20 2.90
C PHE C 43 -1.25 22.41 1.98
N PRO C 44 -2.35 22.71 1.30
CA PRO C 44 -2.37 23.85 0.37
C PRO C 44 -2.34 25.19 1.10
N HIS C 45 -2.72 25.15 2.37
CA HIS C 45 -2.75 26.37 3.17
C HIS C 45 -1.48 26.65 3.96
N PHE C 46 -0.46 25.86 3.69
CA PHE C 46 0.83 26.02 4.38
C PHE C 46 1.84 26.66 3.42
N ASP C 47 2.92 27.18 4.00
CA ASP C 47 3.96 27.83 3.19
C ASP C 47 4.82 26.64 3.59
N LEU C 48 5.36 25.97 2.59
CA LEU C 48 6.21 24.80 2.84
C LEU C 48 7.65 25.20 2.46
N SER C 49 7.92 26.48 2.57
CA SER C 49 9.25 27.00 2.23
C SER C 49 9.97 26.32 3.41
N HIS C 50 11.22 25.99 3.19
CA HIS C 50 12.02 25.33 4.24
C HIS C 50 12.13 26.37 5.35
N GLY C 51 11.91 25.92 6.57
CA GLY C 51 11.98 26.83 7.73
C GLY C 51 10.83 27.72 8.19
N SER C 52 9.71 27.61 7.50
CA SER C 52 8.53 28.41 7.83
C SER C 52 7.92 27.95 9.15
N ALA C 53 7.54 28.91 9.97
CA ALA C 53 6.95 28.59 11.28
C ALA C 53 5.71 27.69 11.22
N GLN C 54 5.06 27.69 10.07
CA GLN C 54 3.85 26.87 9.88
C GLN C 54 4.21 25.39 10.01
N VAL C 55 5.30 25.01 9.39
CA VAL C 55 5.74 23.61 9.43
C VAL C 55 6.52 23.30 10.72
N LYS C 56 7.17 24.31 11.24
CA LYS C 56 7.96 24.13 12.48
C LYS C 56 6.90 23.91 13.56
N GLY C 57 5.82 24.67 13.46
CA GLY C 57 4.73 24.56 14.44
C GLY C 57 3.95 23.24 14.39
N HIS C 58 3.72 22.77 13.19
CA HIS C 58 2.98 21.52 12.99
C HIS C 58 3.82 20.36 13.51
N GLY C 59 5.11 20.45 13.30
CA GLY C 59 6.03 19.39 13.74
C GLY C 59 6.19 19.24 15.26
N LYS C 60 5.97 20.32 15.97
CA LYS C 60 6.10 20.29 17.44
C LYS C 60 4.80 19.64 17.87
N LYS C 61 3.73 19.93 17.13
CA LYS C 61 2.42 19.36 17.44
C LYS C 61 2.38 17.86 17.18
N VAL C 62 3.06 17.45 16.13
CA VAL C 62 3.10 16.03 15.76
C VAL C 62 4.06 15.23 16.65
N ALA C 63 5.16 15.85 17.00
CA ALA C 63 6.17 15.19 17.85
C ALA C 63 5.60 15.06 19.25
N ASP C 64 4.81 16.05 19.64
CA ASP C 64 4.19 16.05 20.97
C ASP C 64 3.10 14.99 21.17
N ALA C 65 2.39 14.69 20.10
CA ALA C 65 1.31 13.70 20.15
C ALA C 65 2.05 12.37 20.22
N LEU C 66 3.21 12.33 19.59
CA LEU C 66 4.01 11.10 19.59
C LEU C 66 4.61 10.83 20.96
N THR C 67 5.04 11.89 21.62
CA THR C 67 5.64 11.76 22.95
C THR C 67 4.55 11.27 23.90
N ASN C 68 3.36 11.82 23.72
CA ASN C 68 2.22 11.45 24.57
C ASN C 68 1.87 9.99 24.35
N ALA C 69 2.08 9.53 23.13
CA ALA C 69 1.78 8.14 22.78
C ALA C 69 2.79 7.15 23.35
N VAL C 70 4.03 7.60 23.45
CA VAL C 70 5.11 6.76 23.99
C VAL C 70 4.89 6.69 25.50
N ALA C 71 4.35 7.75 26.04
CA ALA C 71 4.10 7.83 27.49
C ALA C 71 2.91 6.95 27.87
N HIS C 72 2.13 6.61 26.86
CA HIS C 72 0.95 5.75 27.08
C HIS C 72 0.89 4.52 26.18
N VAL C 73 2.05 4.05 25.79
CA VAL C 73 2.13 2.87 24.90
C VAL C 73 1.29 1.65 25.23
N ASP C 74 0.77 1.62 26.45
CA ASP C 74 -0.06 0.50 26.90
C ASP C 74 -1.56 0.80 26.79
N ASP C 75 -1.87 2.08 26.71
CA ASP C 75 -3.27 2.51 26.61
C ASP C 75 -3.42 3.50 25.45
N MET C 76 -2.64 3.26 24.40
CA MET C 76 -2.68 4.13 23.23
C MET C 76 -3.93 4.63 22.49
N PRO C 77 -4.89 3.74 22.33
CA PRO C 77 -6.13 4.09 21.64
C PRO C 77 -6.93 5.17 22.36
N ASN C 78 -6.96 5.08 23.67
CA ASN C 78 -7.69 6.06 24.48
C ASN C 78 -6.95 7.39 24.47
N ALA C 79 -5.63 7.30 24.57
CA ALA C 79 -4.79 8.51 24.57
C ALA C 79 -4.78 9.34 23.29
N LEU C 80 -4.87 8.65 22.17
CA LEU C 80 -4.87 9.33 20.87
C LEU C 80 -6.30 9.47 20.33
N SER C 81 -7.25 9.23 21.22
CA SER C 81 -8.67 9.32 20.83
C SER C 81 -9.24 10.53 20.09
N ALA C 82 -9.07 11.70 20.69
CA ALA C 82 -9.58 12.94 20.09
C ALA C 82 -8.88 13.14 18.74
N LEU C 83 -7.65 12.67 18.66
CA LEU C 83 -6.86 12.80 17.43
C LEU C 83 -7.32 11.82 16.35
N SER C 84 -7.79 10.67 16.80
CA SER C 84 -8.26 9.62 15.87
C SER C 84 -9.55 10.26 15.34
N ASP C 85 -10.28 10.89 16.25
CA ASP C 85 -11.54 11.53 15.87
C ASP C 85 -11.29 12.64 14.84
N LEU C 86 -10.25 13.42 15.10
CA LEU C 86 -9.91 14.53 14.20
C LEU C 86 -9.59 14.12 12.76
N HIS C 87 -8.49 13.41 12.60
CA HIS C 87 -8.07 12.96 11.26
C HIS C 87 -9.22 12.23 10.57
N ALA C 88 -9.89 11.39 11.33
CA ALA C 88 -11.01 10.62 10.78
C ALA C 88 -12.22 11.35 10.20
N HIS C 89 -12.62 12.41 10.87
CA HIS C 89 -13.77 13.20 10.41
C HIS C 89 -13.75 14.61 9.81
N LYS C 90 -12.71 15.35 10.14
CA LYS C 90 -12.57 16.72 9.64
C LYS C 90 -11.48 16.56 8.58
N LEU C 91 -10.30 16.21 9.02
CA LEU C 91 -9.16 16.02 8.10
C LEU C 91 -9.16 14.96 7.00
N ARG C 92 -9.59 13.77 7.37
CA ARG C 92 -9.64 12.66 6.40
C ARG C 92 -8.48 12.39 5.44
N VAL C 93 -7.29 12.29 6.01
CA VAL C 93 -6.08 12.04 5.19
C VAL C 93 -6.12 10.54 4.90
N ASP C 94 -5.88 10.22 3.64
CA ASP C 94 -5.90 8.81 3.21
C ASP C 94 -4.78 8.06 3.95
N PRO C 95 -5.14 6.94 4.54
CA PRO C 95 -4.17 6.13 5.28
C PRO C 95 -2.87 5.61 4.65
N VAL C 96 -2.81 5.70 3.33
CA VAL C 96 -1.62 5.23 2.60
C VAL C 96 -0.52 6.20 3.01
N ASN C 97 -0.93 7.40 3.39
CA ASN C 97 0.03 8.43 3.81
C ASN C 97 0.70 8.39 5.19
N PHE C 98 0.13 7.59 6.07
CA PHE C 98 0.66 7.46 7.43
C PHE C 98 1.92 6.61 7.25
N LYS C 99 1.86 5.70 6.29
CA LYS C 99 3.01 4.82 6.02
C LYS C 99 4.16 5.70 5.55
N LEU C 100 3.83 6.76 4.85
CA LEU C 100 4.85 7.70 4.34
C LEU C 100 5.56 8.61 5.33
N LEU C 101 4.80 9.18 6.24
CA LEU C 101 5.36 10.09 7.25
C LEU C 101 6.07 9.20 8.26
N SER C 102 5.51 8.02 8.48
CA SER C 102 6.09 7.07 9.43
C SER C 102 7.54 6.75 9.03
N HIS C 103 7.75 6.66 7.73
CA HIS C 103 9.09 6.35 7.21
C HIS C 103 10.14 7.46 7.23
N CYS C 104 9.68 8.68 7.05
CA CYS C 104 10.59 9.83 7.04
C CYS C 104 10.96 10.10 8.50
N LEU C 105 10.12 9.62 9.40
CA LEU C 105 10.36 9.81 10.84
C LEU C 105 11.42 8.78 11.20
N LEU C 106 11.25 7.58 10.68
CA LEU C 106 12.19 6.48 10.96
C LEU C 106 13.52 7.09 10.49
N VAL C 107 13.51 7.61 9.29
CA VAL C 107 14.73 8.22 8.73
C VAL C 107 15.34 9.44 9.41
N THR C 108 14.48 10.28 9.95
CA THR C 108 14.94 11.49 10.64
C THR C 108 15.61 11.05 11.95
N LEU C 109 15.08 9.98 12.52
CA LEU C 109 15.61 9.46 13.78
C LEU C 109 16.94 8.74 13.54
N ALA C 110 17.04 8.06 12.41
CA ALA C 110 18.26 7.33 12.07
C ALA C 110 19.44 8.30 11.91
N ALA C 111 19.13 9.48 11.40
CA ALA C 111 20.16 10.49 11.20
C ALA C 111 20.58 11.38 12.38
N HIS C 112 19.94 11.15 13.51
CA HIS C 112 20.24 11.93 14.72
C HIS C 112 20.71 11.23 15.99
N LEU C 113 20.60 9.91 15.98
CA LEU C 113 21.02 9.11 17.13
C LEU C 113 22.01 8.23 16.37
N PRO C 114 23.07 8.85 15.90
CA PRO C 114 24.10 8.11 15.14
C PRO C 114 23.85 6.64 15.49
N ALA C 115 23.91 6.35 16.77
CA ALA C 115 23.71 4.98 17.25
C ALA C 115 22.95 4.50 18.49
N GLU C 116 21.67 4.80 18.51
CA GLU C 116 20.82 4.41 19.66
C GLU C 116 20.05 3.59 18.61
N PHE C 117 20.08 4.06 17.38
CA PHE C 117 19.38 3.38 16.29
C PHE C 117 19.85 1.96 15.95
N THR C 118 19.60 1.05 16.86
CA THR C 118 20.00 -0.35 16.67
C THR C 118 18.99 -1.03 15.74
N PRO C 119 19.46 -2.04 15.04
CA PRO C 119 18.59 -2.78 14.11
C PRO C 119 17.40 -3.32 14.91
N ALA C 120 17.68 -3.70 16.14
CA ALA C 120 16.62 -4.23 17.01
C ALA C 120 15.67 -3.10 17.39
N VAL C 121 16.24 -1.90 17.45
CA VAL C 121 15.44 -0.71 17.80
C VAL C 121 14.78 -0.14 16.56
N HIS C 122 15.48 -0.26 15.45
CA HIS C 122 14.96 0.26 14.17
C HIS C 122 13.64 -0.50 14.02
N ALA C 123 13.69 -1.78 14.35
CA ALA C 123 12.49 -2.63 14.25
C ALA C 123 11.32 -2.32 15.17
N SER C 124 11.64 -2.04 16.42
CA SER C 124 10.59 -1.74 17.41
C SER C 124 9.95 -0.39 17.09
N LEU C 125 10.74 0.48 16.48
CA LEU C 125 10.26 1.81 16.11
C LEU C 125 9.32 1.81 14.90
N ASP C 126 9.67 1.01 13.92
CA ASP C 126 8.87 0.90 12.70
C ASP C 126 7.59 0.36 13.33
N LYS C 127 7.75 -0.69 14.11
CA LYS C 127 6.60 -1.32 14.78
C LYS C 127 5.71 -0.39 15.61
N PHE C 128 6.34 0.52 16.32
CA PHE C 128 5.61 1.47 17.17
C PHE C 128 4.83 2.46 16.30
N LEU C 129 5.49 2.96 15.28
CA LEU C 129 4.87 3.92 14.37
C LEU C 129 3.70 3.36 13.55
N ALA C 130 3.74 2.05 13.34
CA ALA C 130 2.68 1.38 12.57
C ALA C 130 1.47 1.25 13.50
N SER C 131 1.74 1.19 14.79
CA SER C 131 0.67 1.05 15.78
C SER C 131 -0.03 2.40 15.93
N VAL C 132 0.75 3.46 15.94
CA VAL C 132 0.20 4.81 16.08
C VAL C 132 -0.63 5.09 14.83
N SER C 133 -0.06 4.74 13.69
CA SER C 133 -0.75 4.97 12.41
C SER C 133 -2.11 4.26 12.40
N THR C 134 -2.13 3.07 12.97
CA THR C 134 -3.36 2.28 13.03
C THR C 134 -4.46 2.78 13.96
N VAL C 135 -4.04 3.36 15.06
CA VAL C 135 -4.98 3.90 16.05
C VAL C 135 -5.60 5.14 15.41
N LEU C 136 -4.76 5.92 14.76
CA LEU C 136 -5.23 7.15 14.10
C LEU C 136 -6.09 6.90 12.87
N THR C 137 -5.91 5.74 12.28
CA THR C 137 -6.67 5.38 11.07
C THR C 137 -7.96 4.64 11.48
N SER C 138 -8.02 4.25 12.74
CA SER C 138 -9.19 3.53 13.26
C SER C 138 -10.70 3.73 13.19
N LYS C 139 -11.10 4.99 13.27
CA LYS C 139 -12.53 5.32 13.23
C LYS C 139 -12.94 5.90 11.86
N TYR C 140 -12.15 5.59 10.86
CA TYR C 140 -12.43 6.09 9.51
C TYR C 140 -13.72 5.63 8.81
N ARG C 141 -14.05 4.38 8.99
CA ARG C 141 -15.26 3.81 8.38
C ARG C 141 -15.48 2.71 9.41
C ACE D 1 12.68 8.72 -13.94
O ACE D 1 12.66 7.68 -14.62
CH3 ACE D 1 13.93 9.13 -13.16
N GLY D 2 11.64 9.53 -13.83
CA GLY D 2 10.37 9.24 -14.52
C GLY D 2 11.85 9.52 -14.78
N HIS D 3 12.52 10.03 -13.75
CA HIS D 3 13.95 10.36 -13.88
C HIS D 3 14.57 11.52 -13.09
N PHE D 4 15.82 11.80 -13.39
CA PHE D 4 16.53 12.89 -12.71
C PHE D 4 17.35 14.15 -12.99
N THR D 5 17.07 15.20 -12.24
CA THR D 5 17.79 16.47 -12.42
C THR D 5 19.27 16.18 -12.15
N GLU D 6 20.12 16.88 -12.88
CA GLU D 6 21.57 16.70 -12.72
C GLU D 6 22.03 16.97 -11.29
N GLU D 7 21.31 17.87 -10.62
CA GLU D 7 21.66 18.23 -9.24
C GLU D 7 21.26 16.99 -8.44
N ASP D 8 20.34 16.23 -8.99
CA ASP D 8 19.85 15.02 -8.32
C ASP D 8 21.05 14.07 -8.48
N LYS D 9 21.18 13.52 -9.67
CA LYS D 9 22.28 12.59 -9.95
C LYS D 9 23.75 12.85 -9.58
N ALA D 10 24.06 14.11 -9.35
CA ALA D 10 25.43 14.49 -9.00
C ALA D 10 25.33 14.08 -7.53
N THR D 11 24.16 14.32 -6.95
CA THR D 11 23.94 13.99 -5.55
C THR D 11 24.03 12.56 -5.01
N ILE D 12 23.44 11.63 -5.75
CA ILE D 12 23.45 10.22 -5.35
C ILE D 12 24.81 9.66 -5.75
N THR D 13 25.45 10.33 -6.70
CA THR D 13 26.76 9.89 -7.18
C THR D 13 27.96 10.09 -6.25
N SER D 14 27.92 11.16 -5.48
CA SER D 14 29.01 11.46 -4.55
C SER D 14 28.81 10.89 -3.15
N LEU D 15 27.56 10.72 -2.78
CA LEU D 15 27.23 10.18 -1.46
C LEU D 15 27.75 8.75 -1.60
N TRP D 16 27.51 8.18 -2.78
CA TRP D 16 27.96 6.81 -3.05
C TRP D 16 29.44 6.47 -3.19
N GLY D 17 30.23 7.47 -3.54
CA GLY D 17 31.68 7.27 -3.71
C GLY D 17 32.24 7.14 -2.30
N LYS D 18 31.43 7.51 -1.33
CA LYS D 18 31.83 7.44 0.08
C LYS D 18 31.40 6.15 0.75
N VAL D 19 30.49 5.44 0.11
CA VAL D 19 29.99 4.18 0.65
C VAL D 19 30.88 2.95 0.52
N ASN D 20 31.01 2.22 1.61
CA ASN D 20 31.85 1.01 1.63
C ASN D 20 30.69 0.06 1.34
N VAL D 21 30.62 -0.38 0.09
CA VAL D 21 29.55 -1.30 -0.32
C VAL D 21 29.40 -2.63 0.41
N GLU D 22 30.53 -3.30 0.61
CA GLU D 22 30.54 -4.59 1.29
C GLU D 22 29.86 -4.52 2.67
N ASP D 23 30.23 -3.50 3.41
CA ASP D 23 29.66 -3.31 4.76
C ASP D 23 28.31 -2.63 4.97
N ALA D 24 27.89 -1.88 3.96
CA ALA D 24 26.61 -1.16 4.03
C ALA D 24 25.53 -2.12 3.51
N GLY D 25 25.96 -3.08 2.72
CA GLY D 25 25.02 -4.06 2.14
C GLY D 25 24.72 -5.19 3.13
N GLY D 26 25.71 -5.54 3.91
CA GLY D 26 25.55 -6.62 4.90
C GLY D 26 24.57 -6.02 5.90
N GLU D 27 24.59 -4.71 6.01
CA GLU D 27 23.70 -4.00 6.94
C GLU D 27 22.22 -3.81 6.62
N THR D 28 21.95 -3.50 5.37
CA THR D 28 20.56 -3.28 4.93
C THR D 28 19.83 -4.61 4.78
N LEU D 29 20.53 -5.59 4.24
CA LEU D 29 19.93 -6.92 4.04
C LEU D 29 19.73 -7.47 5.45
N GLY D 30 20.66 -7.14 6.33
CA GLY D 30 20.59 -7.62 7.71
C GLY D 30 19.39 -7.00 8.44
N ARG D 31 19.18 -5.72 8.20
CA ARG D 31 18.06 -5.02 8.85
C ARG D 31 16.70 -5.27 8.17
N LEU D 32 16.76 -5.74 6.94
CA LEU D 32 15.53 -6.02 6.18
C LEU D 32 15.01 -7.29 6.84
N LEU D 33 15.91 -8.25 7.02
CA LEU D 33 15.55 -9.53 7.64
C LEU D 33 15.00 -9.38 9.06
N VAL D 34 15.49 -8.36 9.75
CA VAL D 34 15.05 -8.10 11.13
C VAL D 34 13.81 -7.24 11.37
N VAL D 35 13.64 -6.25 10.53
CA VAL D 35 12.49 -5.35 10.65
C VAL D 35 11.24 -5.91 9.97
N TYR D 36 11.48 -6.62 8.88
CA TYR D 36 10.37 -7.22 8.12
C TYR D 36 10.69 -8.72 8.09
N PRO D 37 10.77 -9.30 9.27
CA PRO D 37 11.07 -10.73 9.38
C PRO D 37 10.53 -11.86 8.49
N TRP D 38 9.60 -11.51 7.63
CA TRP D 38 8.98 -12.49 6.74
C TRP D 38 9.78 -12.52 5.43
N THR D 39 10.87 -11.77 5.41
CA THR D 39 11.72 -11.70 4.22
C THR D 39 12.63 -12.89 4.56
N GLN D 40 12.65 -13.23 5.84
CA GLN D 40 13.48 -14.35 6.30
C GLN D 40 13.12 -15.38 5.23
N ARG D 41 11.84 -15.44 4.92
CA ARG D 41 11.35 -16.39 3.91
C ARG D 41 12.15 -17.07 2.80
N PHE D 42 13.03 -16.31 2.18
CA PHE D 42 13.87 -16.83 1.10
C PHE D 42 15.26 -17.32 1.51
N PHE D 43 15.49 -17.34 2.80
CA PHE D 43 16.79 -17.79 3.35
C PHE D 43 17.27 -18.69 4.47
N ASP D 44 16.62 -19.83 4.61
CA ASP D 44 16.98 -20.79 5.65
C ASP D 44 17.95 -21.80 5.05
N SER D 45 18.73 -21.33 4.09
CA SER D 45 19.70 -22.19 3.42
C SER D 45 20.81 -21.55 4.25
N PHE D 46 20.50 -20.37 4.78
CA PHE D 46 21.48 -19.63 5.60
C PHE D 46 21.93 -19.74 7.06
N GLY D 47 21.26 -20.60 7.80
CA GLY D 47 21.58 -20.79 9.22
C GLY D 47 20.81 -20.06 10.30
N ASN D 48 21.52 -19.69 11.36
CA ASN D 48 20.89 -18.99 12.48
C ASN D 48 20.37 -17.61 12.05
N LEU D 49 19.06 -17.52 11.95
CA LEU D 49 18.41 -16.26 11.54
C LEU D 49 17.48 -15.80 12.67
N SER D 50 17.70 -16.37 13.85
CA SER D 50 16.87 -16.03 15.01
C SER D 50 16.72 -14.93 16.06
N SER D 51 17.72 -14.07 16.13
CA SER D 51 17.70 -12.97 17.11
C SER D 51 18.34 -11.96 16.15
N ALA D 52 18.12 -10.69 16.44
CA ALA D 52 18.66 -9.62 15.59
C ALA D 52 20.19 -9.72 15.56
N SER D 53 20.74 -10.29 16.61
CA SER D 53 22.20 -10.45 16.71
C SER D 53 22.83 -11.58 15.91
N ALA D 54 22.08 -12.66 15.76
CA ALA D 54 22.57 -13.82 15.02
C ALA D 54 22.52 -13.47 13.53
N ILE D 55 21.59 -12.61 13.18
CA ILE D 55 21.43 -12.20 11.77
C ILE D 55 22.39 -11.14 11.24
N MET D 56 22.67 -10.15 12.08
CA MET D 56 23.57 -9.06 11.69
C MET D 56 25.00 -9.61 11.66
N GLY D 57 25.16 -10.78 12.25
CA GLY D 57 26.48 -11.43 12.28
C GLY D 57 26.64 -12.63 11.35
N ASN D 58 25.53 -13.08 10.81
CA ASN D 58 25.55 -14.24 9.90
C ASN D 58 26.32 -13.83 8.66
N PRO D 59 27.32 -14.61 8.32
CA PRO D 59 28.15 -14.32 7.14
C PRO D 59 27.57 -14.56 5.74
N LYS D 60 26.55 -15.39 5.69
CA LYS D 60 25.91 -15.71 4.40
C LYS D 60 25.07 -14.47 4.12
N VAL D 61 24.53 -13.90 5.18
CA VAL D 61 23.68 -12.71 5.05
C VAL D 61 24.62 -11.58 4.60
N LYS D 62 25.72 -11.44 5.32
CA LYS D 62 26.70 -10.39 5.01
C LYS D 62 27.15 -10.48 3.54
N ALA D 63 27.30 -11.70 3.08
CA ALA D 63 27.73 -11.94 1.69
C ALA D 63 26.79 -11.63 0.53
N HIS D 64 25.55 -12.07 0.67
CA HIS D 64 24.54 -11.84 -0.38
C HIS D 64 24.12 -10.37 -0.23
N GLY D 65 24.36 -9.84 0.96
CA GLY D 65 24.01 -8.44 1.23
C GLY D 65 24.84 -7.60 0.28
N LYS D 66 26.11 -7.92 0.19
CA LYS D 66 27.03 -7.18 -0.69
C LYS D 66 26.84 -7.54 -2.16
N LYS D 67 26.42 -8.77 -2.39
CA LYS D 67 26.20 -9.25 -3.77
C LYS D 67 25.10 -8.32 -4.30
N VAL D 68 24.04 -8.21 -3.53
CA VAL D 68 22.91 -7.35 -3.92
C VAL D 68 23.29 -5.89 -4.15
N LEU D 69 23.99 -5.33 -3.18
CA LEU D 69 24.42 -3.92 -3.27
C LEU D 69 25.41 -3.52 -4.36
N THR D 70 26.18 -4.50 -4.81
CA THR D 70 27.19 -4.25 -5.86
C THR D 70 26.37 -4.33 -7.14
N SER D 71 25.36 -5.19 -7.12
CA SER D 71 24.50 -5.37 -8.31
C SER D 71 23.95 -3.96 -8.46
N LEU D 72 23.63 -3.34 -7.34
CA LEU D 72 23.09 -1.98 -7.35
C LEU D 72 24.02 -0.79 -7.63
N GLY D 73 25.25 -0.91 -7.15
CA GLY D 73 26.23 0.16 -7.35
C GLY D 73 26.34 0.29 -8.86
N ASP D 74 26.46 -0.85 -9.53
CA ASP D 74 26.58 -0.86 -11.00
C ASP D 74 25.48 -0.23 -11.85
N ALA D 75 24.30 -0.07 -11.26
CA ALA D 75 23.17 0.51 -11.99
C ALA D 75 23.23 2.03 -11.77
N ILE D 76 23.96 2.43 -10.75
CA ILE D 76 24.10 3.86 -10.44
C ILE D 76 24.68 4.42 -11.75
N LYS D 77 25.41 3.58 -12.44
CA LYS D 77 26.04 3.98 -13.71
C LYS D 77 25.23 4.14 -15.01
N HIS D 78 24.05 3.56 -15.02
CA HIS D 78 23.19 3.63 -16.21
C HIS D 78 21.87 4.06 -15.56
N LEU D 79 21.91 5.21 -14.92
CA LEU D 79 20.71 5.73 -14.24
C LEU D 79 19.74 6.08 -15.37
N ASP D 80 20.26 6.18 -16.58
CA ASP D 80 19.43 6.50 -17.75
C ASP D 80 18.51 5.44 -18.35
N ASP D 81 18.78 4.20 -18.01
CA ASP D 81 17.98 3.08 -18.52
C ASP D 81 18.25 1.95 -17.52
N LEU D 82 17.52 1.98 -16.42
CA LEU D 82 17.69 0.97 -15.38
C LEU D 82 16.95 -0.29 -15.81
N LYS D 83 15.96 -0.10 -16.66
CA LYS D 83 15.16 -1.23 -17.15
C LYS D 83 16.01 -2.17 -18.00
N GLY D 84 16.86 -1.57 -18.81
CA GLY D 84 17.74 -2.35 -19.69
C GLY D 84 18.87 -2.97 -18.87
N THR D 85 19.25 -2.27 -17.82
CA THR D 85 20.33 -2.76 -16.94
C THR D 85 19.96 -3.96 -16.09
N PHE D 86 18.69 -4.01 -15.70
CA PHE D 86 18.20 -5.12 -14.87
C PHE D 86 17.23 -6.17 -15.42
N ALA D 87 17.00 -6.11 -16.72
CA ALA D 87 16.08 -7.06 -17.37
C ALA D 87 16.35 -8.55 -17.17
N GLN D 88 17.62 -8.89 -17.07
CA GLN D 88 18.02 -10.28 -16.87
C GLN D 88 17.84 -10.68 -15.42
N LEU D 89 18.15 -9.75 -14.54
CA LEU D 89 18.03 -10.01 -13.09
C LEU D 89 16.55 -10.03 -12.72
N SER D 90 15.76 -9.31 -13.50
CA SER D 90 14.31 -9.24 -13.24
C SER D 90 13.70 -10.58 -13.67
N GLU D 91 13.99 -10.98 -14.89
CA GLU D 91 13.48 -12.24 -15.42
C GLU D 91 13.84 -13.36 -14.44
N LEU D 92 15.05 -13.30 -13.93
CA LEU D 92 15.53 -14.31 -12.98
C LEU D 92 14.89 -14.38 -11.60
N HIS D 93 14.52 -13.22 -11.08
CA HIS D 93 13.90 -13.15 -9.75
C HIS D 93 12.44 -13.61 -9.84
N CYS D 94 11.88 -13.50 -11.03
CA CYS D 94 10.49 -13.90 -11.26
C CYS D 94 10.47 -15.40 -11.56
N ASP D 95 11.00 -15.76 -12.71
CA ASP D 95 11.04 -17.18 -13.12
C ASP D 95 11.69 -18.27 -12.28
N LYS D 96 12.77 -17.90 -11.62
CA LYS D 96 13.50 -18.86 -10.78
C LYS D 96 13.56 -18.71 -9.26
N LEU D 97 13.61 -17.47 -8.82
CA LEU D 97 13.68 -17.19 -7.38
C LEU D 97 12.31 -17.01 -6.72
N HIS D 98 11.35 -16.57 -7.52
CA HIS D 98 9.99 -16.35 -7.00
C HIS D 98 9.87 -15.36 -5.84
N VAL D 99 10.50 -14.20 -6.02
CA VAL D 99 10.47 -13.17 -4.97
C VAL D 99 9.37 -12.14 -5.21
N ASP D 100 8.57 -11.91 -4.19
CA ASP D 100 7.46 -10.95 -4.29
C ASP D 100 8.24 -9.66 -4.47
N PRO D 101 8.08 -9.06 -5.63
CA PRO D 101 8.78 -7.79 -5.94
C PRO D 101 8.48 -6.67 -4.95
N GLU D 102 7.52 -6.93 -4.08
CA GLU D 102 7.12 -5.93 -3.07
C GLU D 102 8.37 -5.75 -2.19
N ASN D 103 9.19 -6.79 -2.16
CA ASN D 103 10.42 -6.76 -1.36
C ASN D 103 11.50 -5.76 -1.77
N PHE D 104 11.55 -5.48 -3.06
CA PHE D 104 12.54 -4.53 -3.59
C PHE D 104 12.24 -3.19 -2.95
N LYS D 105 10.96 -2.90 -2.82
CA LYS D 105 10.53 -1.63 -2.22
C LYS D 105 10.90 -1.62 -0.73
N LEU D 106 10.65 -2.74 -0.07
CA LEU D 106 10.95 -2.86 1.35
C LEU D 106 12.45 -2.64 1.61
N LEU D 107 13.26 -3.19 0.74
CA LEU D 107 14.72 -3.06 0.87
C LEU D 107 15.20 -1.68 0.46
N GLY D 108 14.47 -1.09 -0.48
CA GLY D 108 14.83 0.25 -0.98
C GLY D 108 14.73 1.19 0.23
N ASN D 109 13.70 0.99 1.03
CA ASN D 109 13.49 1.83 2.21
C ASN D 109 14.38 1.60 3.44
N VAL D 110 14.87 0.38 3.56
CA VAL D 110 15.73 0.02 4.70
C VAL D 110 17.04 0.72 4.31
N LEU D 111 17.35 0.66 3.03
CA LEU D 111 18.58 1.28 2.52
C LEU D 111 18.72 2.79 2.61
N VAL D 112 17.58 3.47 2.55
CA VAL D 112 17.58 4.94 2.61
C VAL D 112 17.87 5.14 4.10
N THR D 113 17.35 4.22 4.90
CA THR D 113 17.55 4.30 6.36
C THR D 113 19.00 4.07 6.82
N VAL D 114 19.63 3.10 6.20
CA VAL D 114 21.03 2.77 6.54
C VAL D 114 21.95 3.90 6.08
N LEU D 115 21.52 4.59 5.03
CA LEU D 115 22.32 5.70 4.49
C LEU D 115 22.21 6.91 5.42
N ALA D 116 21.06 7.03 6.05
CA ALA D 116 20.83 8.16 6.97
C ALA D 116 21.66 7.89 8.23
N ILE D 117 21.65 6.64 8.66
CA ILE D 117 22.40 6.26 9.86
C ILE D 117 23.89 6.55 9.66
N HIS D 118 24.41 6.13 8.52
CA HIS D 118 25.82 6.34 8.20
C HIS D 118 26.33 7.77 8.01
N PHE D 119 25.61 8.52 7.21
CA PHE D 119 26.00 9.91 6.92
C PHE D 119 25.38 11.04 7.74
N GLY D 120 24.54 10.68 8.69
CA GLY D 120 23.88 11.66 9.54
C GLY D 120 23.34 12.92 8.84
N LYS D 121 23.79 14.07 9.30
CA LYS D 121 23.34 15.34 8.72
C LYS D 121 23.69 15.60 7.25
N GLU D 122 24.59 14.82 6.72
CA GLU D 122 25.01 14.97 5.32
C GLU D 122 23.86 14.47 4.44
N PHE D 123 23.10 13.54 4.99
CA PHE D 123 21.96 12.97 4.24
C PHE D 123 20.77 13.89 4.48
N THR D 124 20.73 14.97 3.73
CA THR D 124 19.63 15.94 3.87
C THR D 124 18.36 15.58 3.11
N PRO D 125 17.25 16.10 3.60
CA PRO D 125 15.94 15.82 2.97
C PRO D 125 15.97 15.84 1.44
N GLU D 126 16.75 16.76 0.89
CA GLU D 126 16.86 16.90 -0.57
C GLU D 126 17.69 15.78 -1.19
N VAL D 127 18.57 15.22 -0.39
CA VAL D 127 19.45 14.13 -0.88
C VAL D 127 18.69 12.81 -0.76
N GLN D 128 17.79 12.76 0.20
CA GLN D 128 17.00 11.54 0.42
C GLN D 128 16.03 11.47 -0.76
N ALA D 129 15.43 12.59 -1.08
CA ALA D 129 14.48 12.66 -2.19
C ALA D 129 15.04 12.13 -3.51
N SER D 130 16.32 12.38 -3.72
CA SER D 130 16.99 11.93 -4.96
C SER D 130 17.10 10.41 -4.89
N TRP D 131 17.40 9.91 -3.72
CA TRP D 131 17.55 8.46 -3.52
C TRP D 131 16.24 7.67 -3.39
N GLN D 132 15.17 8.40 -3.14
CA GLN D 132 13.85 7.75 -2.98
C GLN D 132 13.49 7.52 -4.45
N LYS D 133 13.92 8.45 -5.30
CA LYS D 133 13.63 8.35 -6.74
C LYS D 133 14.42 7.15 -7.28
N MET D 134 15.66 7.06 -6.85
CA MET D 134 16.53 5.97 -7.30
C MET D 134 16.08 4.58 -6.83
N VAL D 135 15.88 4.47 -5.53
CA VAL D 135 15.44 3.20 -4.95
C VAL D 135 14.12 2.73 -5.56
N THR D 136 13.27 3.69 -5.88
CA THR D 136 11.96 3.38 -6.47
C THR D 136 12.08 2.93 -7.92
N GLY D 137 13.02 3.51 -8.63
CA GLY D 137 13.24 3.16 -10.04
C GLY D 137 13.94 1.81 -10.17
N VAL D 138 14.70 1.47 -9.14
CA VAL D 138 15.44 0.20 -9.13
C VAL D 138 14.45 -0.92 -8.86
N ALA D 139 13.55 -0.67 -7.92
CA ALA D 139 12.54 -1.67 -7.56
C ALA D 139 11.62 -1.83 -8.76
N SER D 140 11.38 -0.73 -9.44
CA SER D 140 10.50 -0.75 -10.63
C SER D 140 11.08 -1.52 -11.81
N ALA D 141 12.38 -1.39 -11.98
CA ALA D 141 13.06 -2.08 -13.09
C ALA D 141 13.26 -3.56 -12.79
N LEU D 142 13.41 -3.87 -11.51
CA LEU D 142 13.61 -5.25 -11.09
C LEU D 142 12.29 -6.02 -11.24
N SER D 143 11.20 -5.27 -11.29
CA SER D 143 9.87 -5.88 -11.42
C SER D 143 9.23 -5.77 -12.81
N SER D 144 9.86 -5.00 -13.67
CA SER D 144 9.34 -4.81 -15.03
C SER D 144 8.95 -6.07 -15.78
N ARG D 145 9.65 -7.15 -15.48
CA ARG D 145 9.37 -8.44 -16.13
C ARG D 145 8.80 -9.65 -15.39
N TYR D 146 7.76 -9.40 -14.62
CA TYR D 146 7.12 -10.47 -13.84
C TYR D 146 5.92 -10.82 -14.74
N HIS D 147 5.45 -12.05 -14.60
CA HIS D 147 4.32 -12.50 -15.40
C HIS D 147 3.57 -13.77 -14.96
CHA HEM E . -2.86 -21.64 2.50
CHB HEM E . -6.55 -18.98 4.13
CHC HEM E . -4.77 -15.13 1.84
CHD HEM E . -1.08 -17.80 0.21
C1A HEM E . -4.02 -21.26 3.15
C2A HEM E . -4.86 -22.12 3.95
C3A HEM E . -5.88 -21.39 4.39
C4A HEM E . -5.70 -20.04 3.89
CMA HEM E . -7.00 -21.89 5.28
CAA HEM E . -4.64 -23.59 4.23
CBA HEM E . -4.27 -23.73 5.68
CGA HEM E . -3.97 -25.20 5.94
O1A HEM E . -3.29 -25.85 5.15
O2A HEM E . -4.37 -25.73 6.91
C1B HEM E . -6.38 -17.70 3.65
C2B HEM E . -7.28 -16.59 3.91
C3B HEM E . -6.79 -15.52 3.27
C4B HEM E . -5.57 -15.94 2.60
CMB HEM E . -8.54 -16.62 4.74
CAB HEM E . -7.40 -14.14 3.27
CBB HEM E . -8.55 -13.91 2.63
C1C HEM E . -3.61 -15.52 1.19
C2C HEM E . -2.77 -14.65 0.39
C3C HEM E . -1.75 -15.39 -0.06
C4C HEM E . -1.93 -16.73 0.45
CMC HEM E . -2.99 -13.18 0.10
CAC HEM E . -0.63 -14.89 -0.95
CBC HEM E . -0.80 -14.77 -2.26
C1D HEM E . -1.25 -19.07 0.70
C2D HEM E . -0.35 -20.19 0.42
C3D HEM E . -0.84 -21.25 1.06
C4D HEM E . -2.06 -20.83 1.74
CMD HEM E . 0.91 -20.16 -0.40
CAD HEM E . -0.23 -22.63 1.07
CBD HEM E . -1.27 -23.59 0.55
CGD HEM E . -0.54 -24.88 0.17
O1D HEM E . -0.65 -25.33 -0.92
O2D HEM E . 0.16 -25.47 0.99
NA HEM E . -4.56 -19.99 3.11
NB HEM E . -5.35 -17.28 2.84
NC HEM E . -3.07 -16.79 1.22
ND HEM E . -2.29 -19.49 1.50
FE HEM E . -3.48 -18.19 2.63
CHA HEM F . -13.39 17.65 -11.60
CHB HEM F . -11.97 13.97 -14.38
CHC HEM F . -11.24 11.27 -10.45
CHD HEM F . -12.65 14.95 -7.67
C1A HEM F . -13.07 16.88 -12.70
C2A HEM F . -13.14 17.33 -14.08
C3A HEM F . -12.75 16.30 -14.85
C4A HEM F . -12.42 15.20 -13.97
CMA HEM F . -12.68 16.33 -16.36
CAA HEM F . -13.59 18.68 -14.58
CBA HEM F . -12.43 19.62 -14.45
CGA HEM F . -12.85 20.97 -15.03
O1A HEM F . -13.58 21.71 -14.38
O2A HEM F . -12.48 21.31 -16.09
C1B HEM F . -11.64 12.91 -13.56
C2B HEM F . -11.17 11.62 -14.01
C3B HEM F . -10.97 10.87 -12.92
C4B HEM F . -11.32 11.69 -11.76
CMB HEM F . -10.94 11.17 -15.44
CAB HEM F . -10.48 9.45 -12.91
CBB HEM F . -11.32 8.44 -13.14
C1C HEM F . -11.56 12.04 -9.35
C2C HEM F . -11.48 11.59 -7.97
C3C HEM F . -11.87 12.60 -7.20
C4C HEM F . -12.20 13.72 -8.08
CMC HEM F . -11.03 10.23 -7.48
CAC HEM F . -11.94 12.59 -5.69
CBC HEM F . -11.91 11.43 -5.03
C1D HEM F . -12.98 16.00 -8.50
C2D HEM F . -13.45 17.30 -8.05
C3D HEM F . -13.66 18.04 -9.13
C4D HEM F . -13.31 17.23 -10.29
CMD HEM F . -13.67 17.75 -6.62
CAD HEM F . -14.15 19.47 -9.14
CBD HEM F . -15.62 19.45 -9.40
CGD HEM F . -16.16 20.86 -9.22
O1D HEM F . -17.21 21.06 -8.75
O2D HEM F . -15.47 21.83 -9.57
NA HEM F . -12.61 15.58 -12.65
NB HEM F . -11.72 12.94 -12.19
NC HEM F . -12.00 13.34 -9.39
ND HEM F . -12.90 15.98 -9.87
FE HEM F . -11.85 14.63 -10.99
CHA HEM G . -2.90 18.04 12.22
CHB HEM G . -0.79 14.40 14.58
CHC HEM G . -0.03 12.14 10.38
CHD HEM G . -2.14 15.77 8.02
C1A HEM G . -2.39 17.25 13.23
C2A HEM G . -2.42 17.57 14.64
C3A HEM G . -1.84 16.56 15.29
C4A HEM G . -1.43 15.59 14.30
CMA HEM G . -1.65 16.47 16.79
CAA HEM G . -3.00 18.81 15.29
CBA HEM G . -4.24 18.41 16.02
CGA HEM G . -4.88 19.68 16.60
O1A HEM G . -4.97 20.69 15.91
O2A HEM G . -5.28 19.70 17.71
C1B HEM G . -0.39 13.47 13.64
C2B HEM G . 0.29 12.22 13.94
C3B HEM G . 0.49 11.59 12.78
C4B HEM G . -0.05 12.43 11.73
CMB HEM G . 0.68 11.70 15.31
CAB HEM G . 1.17 10.25 12.62
CBB HEM G . 2.48 10.12 12.85
C1C HEM G . -0.53 12.93 9.38
C2C HEM G . -0.51 12.60 7.96
C3C HEM G . -1.09 13.61 7.31
C4C HEM G . -1.50 14.58 8.30
CMC HEM G . 0.07 11.36 7.32
CAC HEM G . -1.28 13.70 5.81
CBC HEM G . -0.28 14.10 5.02
C1D HEM G . -2.54 16.71 8.95
C2D HEM G . -3.22 17.95 8.66
C3D HEM G . -3.42 18.58 9.82
C4D HEM G . -2.88 17.74 10.87
CMD HEM G . -3.61 18.47 7.29
CAD HEM G . -4.11 19.93 9.98
CBD HEM G . -3.15 20.83 10.71
CGD HEM G . -3.64 22.26 10.52
O1D HEM G . -2.94 23.08 10.07
O2D HEM G . -4.78 22.58 10.83
NA HEM G . -1.78 16.02 13.04
NB HEM G . -0.59 13.58 12.28
NC HEM G . -1.15 14.15 9.56
ND HEM G . -2.34 16.59 10.33
FE HEM G . -1.99 14.78 11.31
CHA HEM H . 20.29 -13.34 -5.99
CHB HEM H . 20.44 -8.68 -7.23
CHC HEM H . 16.93 -7.71 -4.06
CHD HEM H . 16.76 -12.38 -2.82
C1A HEM H . 20.63 -12.15 -6.60
C2A HEM H . 21.66 -12.01 -7.63
C3A HEM H . 21.71 -10.72 -7.96
C4A HEM H . 20.71 -10.03 -7.17
CMA HEM H . 22.63 -10.11 -9.00
CAA HEM H . 22.52 -13.10 -8.20
CBA HEM H . 21.72 -13.81 -9.26
CGA HEM H . 22.62 -14.87 -9.90
O1A HEM H . 22.88 -15.91 -9.31
O2A HEM H . 23.09 -14.68 -10.96
C1B HEM H . 19.50 -8.01 -6.48
C2B HEM H . 19.23 -6.58 -6.54
C3B HEM H . 18.26 -6.32 -5.67
C4B HEM H . 17.90 -7.57 -5.02
CMB HEM H . 19.92 -5.57 -7.44
CAB HEM H . 17.66 -4.96 -5.41
CBB HEM H . 18.28 -4.09 -4.59
C1C HEM H . 16.58 -8.90 -3.45
C2C HEM H . 15.56 -9.05 -2.43
C3C HEM H . 15.51 -10.34 -2.09
C4C HEM H . 16.50 -11.02 -2.89
CMC HEM H . 14.69 -7.95 -1.84
CAC HEM H . 14.59 -10.94 -1.06
CBC HEM H . 13.95 -10.16 -0.18
C1D HEM H . 17.71 -13.04 -3.58
C2D HEM H . 17.98 -14.47 -3.51
C3D HEM H . 18.96 -14.74 -4.38
C4D HEM H . 19.31 -13.48 -5.02
CMD HEM H . 17.30 -15.48 -2.62
CAD HEM H . 19.56 -16.10 -4.65
CBD HEM H . 20.82 -16.21 -3.85
CGD HEM H . 21.32 -17.64 -3.97
O1D HEM H . 21.84 -18.17 -3.06
O2D HEM H . 21.19 -18.25 -5.01
NA HEM H . 20.06 -10.92 -6.35
NB HEM H . 18.68 -8.59 -5.54
NC HEM H . 17.15 -10.13 -3.71
ND HEM H . 18.54 -12.46 -4.52
FE HEM H . 18.26 -10.62 -5.37
#